data_3ILR
#
_entry.id   3ILR
#
_cell.length_a   75.736
_cell.length_b   109.604
_cell.length_c   43.858
_cell.angle_alpha   90.000
_cell.angle_beta   90.000
_cell.angle_gamma   90.000
#
_symmetry.space_group_name_H-M   'P 21 21 2'
#
loop_
_entity.id
_entity.type
_entity.pdbx_description
1 polymer 'Heparin lyase I'
2 branched '2-deoxy-6-O-sulfo-2-(sulfoamino)-alpha-D-glucopyranose-(4-1)-4-deoxy-2-O-sulfo-beta-D-erythro-hex-4-enopyranuronic acid'
3 branched '4-deoxy-2-O-sulfo-beta-D-erythro-hex-4-enopyranuronic acid-(1-4)-2-deoxy-6-O-sulfo-2-(sulfoamino)-alpha-D-glucopyranose'
4 non-polymer 'CALCIUM ION'
5 non-polymer 1,2-ETHANEDIOL
6 water water
#
_entity_poly.entity_id   1
_entity_poly.type   'polypeptide(L)'
_entity_poly.pdbx_seq_one_letter_code
;KNTQTLMPLTERVNVQADSARINQIIDGCWVAVGTNKPHAIQRDFTNLFDGKPSYRFELKTEDNTLEGYAKGETKGRAEF
SYCYATSDDFRGLPADVYQKAQITKTVYHHGKGACPQGSSRDYEFSVYIPSSLDSNVSTIFAQWHGMPDRTLVQTPQGEV
KKLTVDEFVELEKTTFFKKNVGHEKVARLDKQGNPVKDKNGKPVYKAGKPNGWLVEQGGYPPLAFGFSGGLFYIKANSDR
KWLTDKDDRCNANPGKTPVMKPLTSEYKASTIAYKLPFADFPKDCWITFRVHIDWTVYGKEAETIVKPGMLDVRMDYQEQ
GKKVSKHIVDNEKILIGRNDEDGYYFKFGIYRVGDSTVPVCYNLAGYSER
;
_entity_poly.pdbx_strand_id   A
#
# COMPACT_ATOMS: atom_id res chain seq x y z
N LYS A 1 -5.62 28.26 -15.64
CA LYS A 1 -4.92 28.87 -16.82
C LYS A 1 -3.48 29.31 -16.47
N ASN A 2 -3.22 29.68 -15.22
CA ASN A 2 -1.84 29.77 -14.73
C ASN A 2 -1.37 28.36 -14.40
N THR A 3 -0.47 27.84 -15.22
CA THR A 3 -0.04 26.46 -15.12
C THR A 3 1.41 26.43 -14.65
N GLN A 4 1.86 27.55 -14.11
CA GLN A 4 3.25 27.70 -13.68
C GLN A 4 3.55 27.33 -12.21
N THR A 5 2.52 27.30 -11.38
CA THR A 5 2.70 27.05 -9.95
C THR A 5 2.60 25.56 -9.63
N LEU A 6 1.96 24.77 -10.50
CA LEU A 6 1.72 23.34 -10.24
C LEU A 6 2.03 22.54 -11.49
N MET A 7 2.66 21.39 -11.32
CA MET A 7 3.12 20.56 -12.44
C MET A 7 2.55 19.13 -12.29
N PRO A 8 1.56 18.75 -13.11
CA PRO A 8 1.09 17.39 -13.00
C PRO A 8 2.20 16.36 -13.17
N LEU A 9 2.19 15.33 -12.32
CA LEU A 9 3.13 14.22 -12.42
C LEU A 9 2.27 12.98 -12.65
N THR A 10 2.08 12.60 -13.91
CA THR A 10 1.06 11.61 -14.28
C THR A 10 1.56 10.20 -14.60
N GLU A 11 2.87 9.96 -14.56
CA GLU A 11 3.39 8.59 -14.74
C GLU A 11 3.03 7.73 -13.54
N ARG A 12 2.65 6.48 -13.82
CA ARG A 12 2.28 5.55 -12.77
C ARG A 12 3.01 4.23 -13.01
N VAL A 13 3.53 3.69 -11.92
CA VAL A 13 4.28 2.42 -12.01
C VAL A 13 3.51 1.36 -11.22
N ASN A 14 3.31 0.21 -11.83
CA ASN A 14 2.76 -0.94 -11.12
C ASN A 14 3.96 -1.60 -10.44
N VAL A 15 4.24 -1.19 -9.20
CA VAL A 15 5.55 -1.56 -8.65
C VAL A 15 5.74 -3.05 -8.41
N GLN A 16 4.64 -3.77 -8.24
CA GLN A 16 4.75 -5.21 -8.01
C GLN A 16 5.04 -5.96 -9.31
N ALA A 17 4.54 -5.44 -10.43
CA ALA A 17 4.63 -6.14 -11.70
C ALA A 17 5.55 -5.56 -12.73
N ASP A 18 6.02 -4.32 -12.56
CA ASP A 18 6.79 -3.66 -13.60
C ASP A 18 7.97 -2.91 -13.00
N SER A 19 9.09 -2.90 -13.71
CA SER A 19 10.18 -2.00 -13.32
C SER A 19 9.80 -0.54 -13.66
N ALA A 20 10.24 0.39 -12.83
CA ALA A 20 10.10 1.83 -13.09
C ALA A 20 11.10 2.23 -14.16
N ARG A 21 10.63 2.90 -15.19
CA ARG A 21 11.53 3.49 -16.19
C ARG A 21 12.11 4.80 -15.63
N ILE A 22 13.30 5.16 -16.09
CA ILE A 22 13.99 6.31 -15.49
C ILE A 22 13.11 7.58 -15.52
N ASN A 23 12.40 7.77 -16.62
N ASN A 23 12.39 7.80 -16.61
CA ASN A 23 11.59 8.97 -16.79
CA ASN A 23 11.57 9.02 -16.73
C ASN A 23 10.23 8.91 -16.06
C ASN A 23 10.30 9.02 -15.89
N GLN A 24 10.05 7.91 -15.20
CA GLN A 24 8.88 7.82 -14.33
C GLN A 24 9.23 8.12 -12.89
N ILE A 25 10.52 8.15 -12.59
CA ILE A 25 10.99 8.34 -11.22
C ILE A 25 11.05 9.82 -10.88
N ILE A 26 10.61 10.13 -9.66
CA ILE A 26 10.42 11.51 -9.26
C ILE A 26 11.45 11.85 -8.22
N ASP A 27 12.26 12.87 -8.52
CA ASP A 27 13.31 13.31 -7.61
C ASP A 27 14.27 12.23 -7.24
N GLY A 28 14.46 11.28 -8.14
CA GLY A 28 15.43 10.24 -7.93
C GLY A 28 15.04 9.19 -6.89
N CYS A 29 13.83 9.29 -6.32
CA CYS A 29 13.53 8.40 -5.20
C CYS A 29 12.10 7.94 -5.05
N TRP A 30 11.19 8.44 -5.87
CA TRP A 30 9.78 8.05 -5.77
C TRP A 30 9.23 7.58 -7.10
N VAL A 31 8.24 6.68 -7.05
CA VAL A 31 7.35 6.52 -8.20
C VAL A 31 5.93 6.69 -7.68
N ALA A 32 5.04 7.00 -8.60
CA ALA A 32 3.64 7.25 -8.24
C ALA A 32 2.76 6.06 -8.57
N VAL A 33 1.73 5.88 -7.73
CA VAL A 33 0.78 4.80 -7.93
C VAL A 33 -0.65 5.36 -7.81
N GLY A 34 -1.62 4.74 -8.47
CA GLY A 34 -3.00 5.19 -8.33
C GLY A 34 -3.49 5.94 -9.55
N THR A 35 -4.56 6.70 -9.40
CA THR A 35 -5.13 7.35 -10.57
C THR A 35 -4.17 8.38 -11.19
N ASN A 36 -4.23 8.52 -12.53
CA ASN A 36 -3.30 9.36 -13.25
C ASN A 36 -3.93 10.67 -13.75
N LYS A 37 -5.08 11.03 -13.20
CA LYS A 37 -5.67 12.34 -13.54
C LYS A 37 -4.62 13.44 -13.28
N PRO A 38 -4.60 14.50 -14.13
CA PRO A 38 -3.51 15.46 -13.96
C PRO A 38 -3.44 16.13 -12.60
N HIS A 39 -4.58 16.36 -11.96
CA HIS A 39 -4.58 17.01 -10.66
C HIS A 39 -4.24 16.06 -9.50
N ALA A 40 -4.12 14.76 -9.76
CA ALA A 40 -4.06 13.84 -8.65
C ALA A 40 -2.77 14.07 -7.86
N ILE A 41 -1.68 14.24 -8.60
CA ILE A 41 -0.39 14.53 -7.96
C ILE A 41 0.30 15.60 -8.79
N GLN A 42 0.75 16.66 -8.12
CA GLN A 42 1.41 17.77 -8.78
C GLN A 42 2.59 18.26 -7.95
N ARG A 43 3.66 18.65 -8.61
CA ARG A 43 4.75 19.33 -7.91
C ARG A 43 4.28 20.78 -7.70
N ASP A 44 4.46 21.30 -6.50
CA ASP A 44 3.91 22.60 -6.11
C ASP A 44 5.08 23.58 -5.90
N PHE A 45 5.18 24.57 -6.80
CA PHE A 45 6.26 25.54 -6.74
C PHE A 45 5.97 26.76 -5.88
N THR A 46 4.79 26.78 -5.25
CA THR A 46 4.38 27.94 -4.46
C THR A 46 4.61 27.61 -2.99
N ASN A 47 4.18 26.43 -2.59
CA ASN A 47 4.31 25.99 -1.22
C ASN A 47 5.59 25.17 -1.07
N LEU A 48 6.69 25.87 -0.84
CA LEU A 48 7.98 25.22 -0.79
C LEU A 48 8.22 24.61 0.58
N PHE A 49 8.95 23.51 0.59
CA PHE A 49 9.38 22.93 1.85
C PHE A 49 10.88 22.83 1.83
N ASP A 50 11.52 23.44 2.83
CA ASP A 50 12.96 23.49 2.90
C ASP A 50 13.41 24.11 1.58
N GLY A 51 12.67 25.12 1.13
CA GLY A 51 13.02 25.85 -0.08
C GLY A 51 12.95 25.08 -1.40
N LYS A 52 12.33 23.90 -1.39
CA LYS A 52 12.16 23.10 -2.61
C LYS A 52 10.66 22.81 -2.85
N PRO A 53 10.26 22.54 -4.09
CA PRO A 53 8.87 22.23 -4.43
C PRO A 53 8.33 21.09 -3.55
N SER A 54 7.10 21.22 -3.09
CA SER A 54 6.46 20.11 -2.37
C SER A 54 5.54 19.35 -3.30
N TYR A 55 4.83 18.35 -2.76
CA TYR A 55 3.93 17.56 -3.61
C TYR A 55 2.50 17.77 -3.15
N ARG A 56 1.62 18.18 -4.08
CA ARG A 56 0.20 18.42 -3.80
C ARG A 56 -0.55 17.24 -4.31
N PHE A 57 -1.32 16.62 -3.41
CA PHE A 57 -2.16 15.47 -3.75
C PHE A 57 -3.60 15.89 -3.72
N GLU A 58 -4.37 15.43 -4.70
CA GLU A 58 -5.80 15.78 -4.72
C GLU A 58 -6.67 14.69 -5.32
N LEU A 59 -7.67 14.26 -4.56
CA LEU A 59 -8.73 13.46 -5.13
C LEU A 59 -10.03 14.23 -5.04
N LYS A 60 -10.63 14.53 -6.19
CA LYS A 60 -11.99 15.09 -6.21
C LYS A 60 -13.03 14.01 -5.91
N THR A 61 -14.28 14.41 -5.81
N THR A 61 -14.29 14.42 -5.78
CA THR A 61 -15.30 13.49 -5.36
CA THR A 61 -15.35 13.49 -5.42
C THR A 61 -15.48 12.31 -6.32
C THR A 61 -15.38 12.27 -6.33
N GLU A 62 -15.25 12.51 -7.62
CA GLU A 62 -15.43 11.46 -8.60
C GLU A 62 -14.21 10.57 -8.82
N ASP A 63 -13.14 10.80 -8.06
CA ASP A 63 -11.83 10.17 -8.30
C ASP A 63 -11.54 8.80 -7.65
N ASN A 64 -12.52 8.15 -7.05
CA ASN A 64 -12.34 6.76 -6.64
C ASN A 64 -12.30 5.85 -7.86
N THR A 65 -11.17 5.19 -8.09
CA THR A 65 -11.02 4.33 -9.26
C THR A 65 -10.85 2.86 -8.89
N LEU A 66 -10.87 2.54 -7.59
CA LEU A 66 -10.66 1.18 -7.16
C LEU A 66 -11.90 0.61 -6.49
N GLU A 67 -12.06 -0.71 -6.59
CA GLU A 67 -13.17 -1.39 -5.94
C GLU A 67 -12.83 -1.53 -4.47
N GLY A 68 -13.80 -1.24 -3.63
CA GLY A 68 -13.63 -1.39 -2.19
C GLY A 68 -13.97 -2.80 -1.79
N TYR A 69 -13.94 -3.04 -0.49
CA TYR A 69 -14.10 -4.40 0.00
C TYR A 69 -15.49 -4.96 -0.26
N ALA A 70 -16.49 -4.13 -0.03
CA ALA A 70 -17.87 -4.52 -0.21
C ALA A 70 -18.32 -4.16 -1.61
N LYS A 71 -19.26 -4.94 -2.15
CA LYS A 71 -19.82 -4.61 -3.47
C LYS A 71 -20.47 -3.23 -3.40
N GLY A 72 -20.13 -2.33 -4.31
CA GLY A 72 -20.72 -0.99 -4.30
C GLY A 72 -19.90 0.02 -3.50
N GLU A 73 -18.82 -0.47 -2.91
CA GLU A 73 -17.91 0.41 -2.20
C GLU A 73 -16.72 0.64 -3.12
N THR A 74 -16.17 1.84 -3.08
CA THR A 74 -15.04 2.17 -3.92
C THR A 74 -14.01 2.84 -3.07
N LYS A 75 -12.79 2.90 -3.59
CA LYS A 75 -11.75 3.65 -2.90
C LYS A 75 -10.87 4.39 -3.89
N GLY A 76 -10.04 5.26 -3.36
CA GLY A 76 -9.22 6.11 -4.23
C GLY A 76 -7.77 6.12 -3.85
N ARG A 77 -6.88 6.29 -4.83
CA ARG A 77 -5.44 6.26 -4.50
C ARG A 77 -4.68 7.21 -5.41
N ALA A 78 -3.87 8.05 -4.77
CA ALA A 78 -2.81 8.78 -5.46
C ALA A 78 -1.67 8.87 -4.45
N GLU A 79 -0.64 8.04 -4.63
CA GLU A 79 0.42 7.97 -3.64
C GLU A 79 1.78 7.95 -4.31
N PHE A 80 2.81 8.27 -3.52
CA PHE A 80 4.21 7.97 -3.88
C PHE A 80 4.65 6.73 -3.11
N SER A 81 5.37 5.83 -3.78
CA SER A 81 6.01 4.70 -3.14
C SER A 81 7.53 4.92 -3.12
N TYR A 82 8.12 4.69 -1.97
CA TYR A 82 9.59 4.78 -1.81
C TYR A 82 10.26 3.49 -2.28
N CYS A 83 9.47 2.47 -2.59
CA CYS A 83 9.98 1.15 -2.99
C CYS A 83 9.54 0.82 -4.42
N TYR A 84 10.52 0.50 -5.27
CA TYR A 84 10.26 0.08 -6.64
C TYR A 84 11.58 -0.47 -7.15
N ALA A 85 11.51 -1.25 -8.24
CA ALA A 85 12.75 -1.70 -8.89
C ALA A 85 12.87 -0.98 -10.20
N THR A 86 14.12 -0.88 -10.69
CA THR A 86 14.37 -0.36 -12.04
C THR A 86 15.05 -1.43 -12.87
N SER A 87 15.28 -1.17 -14.16
CA SER A 87 15.99 -2.18 -14.96
C SER A 87 17.38 -2.46 -14.41
N ASP A 88 18.00 -1.44 -13.82
N ASP A 88 17.98 -1.45 -13.81
CA ASP A 88 19.32 -1.64 -13.21
CA ASP A 88 19.29 -1.64 -13.23
C ASP A 88 19.34 -2.69 -12.10
C ASP A 88 19.30 -2.76 -12.19
N ASP A 89 18.17 -2.93 -11.48
CA ASP A 89 18.10 -3.94 -10.43
C ASP A 89 18.13 -5.37 -10.95
N PHE A 90 17.98 -5.51 -12.27
CA PHE A 90 18.01 -6.81 -12.96
C PHE A 90 19.21 -6.88 -13.91
N ARG A 91 20.09 -5.89 -13.80
CA ARG A 91 21.17 -5.73 -14.77
C ARG A 91 22.04 -6.96 -14.82
N GLY A 92 22.32 -7.39 -16.04
CA GLY A 92 23.10 -8.60 -16.30
C GLY A 92 22.48 -9.95 -16.00
N LEU A 93 21.28 -9.97 -15.43
CA LEU A 93 20.64 -11.24 -15.08
C LEU A 93 19.97 -11.85 -16.31
N PRO A 94 19.73 -13.17 -16.28
CA PRO A 94 19.00 -13.79 -17.38
C PRO A 94 17.64 -13.11 -17.56
N ALA A 95 17.21 -12.95 -18.81
CA ALA A 95 15.96 -12.28 -19.08
C ALA A 95 14.79 -12.86 -18.29
N ASP A 96 14.83 -14.15 -18.05
CA ASP A 96 13.69 -14.76 -17.37
C ASP A 96 13.53 -14.34 -15.91
N VAL A 97 14.56 -13.80 -15.27
CA VAL A 97 14.37 -13.39 -13.89
C VAL A 97 13.34 -12.27 -13.80
N TYR A 98 13.56 -11.18 -14.53
CA TYR A 98 12.54 -10.12 -14.59
C TYR A 98 11.19 -10.62 -15.11
N GLN A 99 11.19 -11.41 -16.19
CA GLN A 99 9.92 -11.82 -16.75
C GLN A 99 9.07 -12.59 -15.73
N LYS A 100 9.73 -13.48 -14.98
N LYS A 100 9.72 -13.49 -14.99
CA LYS A 100 9.04 -14.28 -13.97
CA LYS A 100 8.98 -14.27 -13.99
C LYS A 100 8.67 -13.46 -12.75
C LYS A 100 8.62 -13.41 -12.79
N ALA A 101 9.46 -12.42 -12.49
CA ALA A 101 9.12 -11.54 -11.39
C ALA A 101 7.86 -10.76 -11.70
N GLN A 102 7.60 -10.46 -12.97
CA GLN A 102 6.35 -9.75 -13.28
C GLN A 102 5.15 -10.65 -12.96
N ILE A 103 5.29 -11.93 -13.31
CA ILE A 103 4.16 -12.87 -13.19
C ILE A 103 3.89 -13.18 -11.73
N THR A 104 4.97 -13.33 -10.94
CA THR A 104 4.81 -13.54 -9.50
C THR A 104 4.57 -12.26 -8.72
N LYS A 105 4.58 -11.11 -9.41
N LYS A 105 4.61 -11.13 -9.44
CA LYS A 105 4.34 -9.81 -8.76
CA LYS A 105 4.41 -9.79 -8.88
C LYS A 105 5.38 -9.52 -7.67
C LYS A 105 5.36 -9.52 -7.73
N THR A 106 6.63 -9.84 -7.97
CA THR A 106 7.71 -9.62 -7.01
C THR A 106 8.79 -8.70 -7.56
N VAL A 107 8.42 -7.84 -8.51
CA VAL A 107 9.41 -6.96 -9.11
C VAL A 107 10.03 -6.04 -8.06
N TYR A 108 9.21 -5.32 -7.30
CA TYR A 108 9.77 -4.37 -6.35
C TYR A 108 10.61 -5.01 -5.23
N HIS A 109 10.47 -6.33 -5.04
CA HIS A 109 11.33 -7.02 -4.05
C HIS A 109 12.78 -6.99 -4.43
N HIS A 110 13.04 -6.66 -5.70
CA HIS A 110 14.42 -6.55 -6.20
C HIS A 110 14.94 -5.13 -6.12
N GLY A 111 14.14 -4.20 -5.62
CA GLY A 111 14.55 -2.79 -5.68
C GLY A 111 14.83 -2.19 -4.32
N LYS A 112 15.15 -0.91 -4.31
CA LYS A 112 15.48 -0.18 -3.09
C LYS A 112 14.23 0.17 -2.31
N GLY A 113 14.40 0.59 -1.05
CA GLY A 113 13.30 1.24 -0.35
C GLY A 113 12.49 0.40 0.60
N ALA A 114 12.93 -0.84 0.88
CA ALA A 114 12.23 -1.69 1.84
C ALA A 114 13.08 -1.86 3.06
N CYS A 115 12.41 -2.14 4.18
N CYS A 115 12.47 -2.10 4.20
CA CYS A 115 13.06 -2.43 5.45
CA CYS A 115 13.28 -2.50 5.32
C CYS A 115 12.82 -3.92 5.81
C CYS A 115 12.90 -3.92 5.68
N PRO A 116 13.88 -4.71 6.10
CA PRO A 116 13.61 -6.14 6.33
C PRO A 116 12.86 -6.47 7.60
N GLN A 117 12.36 -7.72 7.64
CA GLN A 117 11.63 -8.22 8.78
C GLN A 117 12.40 -8.02 10.06
N GLY A 118 11.70 -7.60 11.12
CA GLY A 118 12.30 -7.52 12.46
C GLY A 118 13.33 -6.41 12.64
N SER A 119 13.49 -5.59 11.62
CA SER A 119 14.49 -4.50 11.64
C SER A 119 14.00 -3.34 12.48
N SER A 120 14.88 -2.36 12.70
CA SER A 120 14.50 -1.09 13.30
C SER A 120 14.80 0.02 12.28
N ARG A 121 13.92 1.01 12.17
CA ARG A 121 14.15 2.09 11.22
CA ARG A 121 14.18 2.09 11.26
C ARG A 121 13.57 3.41 11.75
N ASP A 122 14.17 4.50 11.32
CA ASP A 122 13.68 5.85 11.63
C ASP A 122 13.20 6.46 10.34
N TYR A 123 12.06 7.15 10.42
CA TYR A 123 11.47 7.78 9.26
C TYR A 123 11.13 9.21 9.63
N GLU A 124 11.14 10.10 8.65
CA GLU A 124 10.71 11.46 8.89
C GLU A 124 10.04 11.96 7.61
N PHE A 125 8.93 12.66 7.78
CA PHE A 125 8.25 13.32 6.66
C PHE A 125 7.41 14.47 7.17
N SER A 126 7.02 15.34 6.26
CA SER A 126 6.19 16.48 6.65
C SER A 126 4.92 16.55 5.81
N VAL A 127 3.87 17.08 6.44
CA VAL A 127 2.57 17.23 5.83
C VAL A 127 2.00 18.62 6.07
N TYR A 128 1.19 19.08 5.11
CA TYR A 128 0.64 20.43 5.16
C TYR A 128 -0.83 20.26 4.91
N ILE A 129 -1.65 20.48 5.94
CA ILE A 129 -3.10 20.25 5.81
C ILE A 129 -3.80 21.57 5.61
N PRO A 130 -4.39 21.79 4.41
CA PRO A 130 -5.05 23.07 4.19
C PRO A 130 -6.26 23.21 5.09
N SER A 131 -6.56 24.46 5.45
CA SER A 131 -7.72 24.77 6.26
C SER A 131 -9.03 24.38 5.57
N SER A 132 -8.97 24.16 4.26
N SER A 132 -9.01 24.17 4.26
CA SER A 132 -10.13 23.79 3.46
CA SER A 132 -10.24 23.81 3.58
C SER A 132 -10.44 22.32 3.53
C SER A 132 -10.50 22.32 3.61
N LEU A 133 -9.58 21.54 4.17
CA LEU A 133 -9.82 20.08 4.17
C LEU A 133 -11.04 19.80 5.04
N ASP A 134 -11.99 19.07 4.48
N ASP A 134 -11.98 19.06 4.47
CA ASP A 134 -13.24 18.78 5.21
CA ASP A 134 -13.22 18.73 5.18
C ASP A 134 -12.98 17.84 6.37
C ASP A 134 -12.92 17.87 6.40
N SER A 135 -13.60 18.16 7.50
CA SER A 135 -13.32 17.44 8.75
C SER A 135 -13.80 16.00 8.71
N ASN A 136 -14.63 15.66 7.74
N ASN A 136 -14.64 15.69 7.73
CA ASN A 136 -15.13 14.28 7.65
CA ASN A 136 -15.21 14.34 7.55
C ASN A 136 -14.36 13.39 6.68
C ASN A 136 -14.50 13.52 6.46
N VAL A 137 -13.29 13.90 6.09
CA VAL A 137 -12.51 13.08 5.17
C VAL A 137 -12.20 11.73 5.78
N SER A 138 -11.94 10.75 4.92
CA SER A 138 -11.56 9.41 5.36
C SER A 138 -10.35 9.01 4.52
N THR A 139 -9.16 9.36 4.99
CA THR A 139 -7.97 9.26 4.14
C THR A 139 -6.74 8.92 4.95
N ILE A 140 -5.90 8.05 4.37
CA ILE A 140 -4.62 7.71 4.93
C ILE A 140 -3.58 8.53 4.17
N PHE A 141 -2.75 9.29 4.88
CA PHE A 141 -1.80 10.17 4.20
C PHE A 141 -0.37 9.65 4.31
N ALA A 142 -0.10 8.70 5.19
CA ALA A 142 1.17 7.99 5.17
C ALA A 142 0.95 6.57 5.66
N GLN A 143 1.62 5.63 5.01
CA GLN A 143 1.52 4.26 5.46
C GLN A 143 2.79 3.49 5.21
N TRP A 144 2.96 2.46 6.03
CA TRP A 144 4.06 1.52 5.93
C TRP A 144 3.36 0.21 5.57
N HIS A 145 3.76 -0.37 4.45
N HIS A 145 3.67 -0.32 4.40
CA HIS A 145 3.03 -1.42 3.77
CA HIS A 145 2.96 -1.46 3.86
C HIS A 145 3.82 -2.71 3.68
C HIS A 145 3.82 -2.71 3.78
N GLY A 146 3.14 -3.85 3.85
CA GLY A 146 3.80 -5.15 3.73
C GLY A 146 4.14 -5.46 2.28
N MET A 147 4.94 -6.51 2.11
CA MET A 147 5.39 -6.94 0.78
C MET A 147 5.26 -8.47 0.67
N PRO A 148 4.04 -8.98 0.84
CA PRO A 148 3.92 -10.44 0.73
C PRO A 148 4.27 -10.92 -0.68
N ASP A 149 4.77 -12.16 -0.72
CA ASP A 149 5.18 -12.83 -1.95
C ASP A 149 4.11 -13.88 -2.21
N ARG A 150 3.39 -13.72 -3.31
N ARG A 150 3.39 -13.72 -3.31
CA ARG A 150 2.24 -14.56 -3.59
CA ARG A 150 2.25 -14.57 -3.62
C ARG A 150 2.61 -15.97 -4.07
C ARG A 150 2.63 -16.01 -3.88
N THR A 151 3.91 -16.29 -4.07
CA THR A 151 4.34 -17.69 -4.25
C THR A 151 4.14 -18.49 -2.95
N LEU A 152 3.80 -17.83 -1.84
CA LEU A 152 3.37 -18.60 -0.66
C LEU A 152 1.88 -18.82 -0.86
N VAL A 153 1.50 -20.09 -0.96
CA VAL A 153 0.12 -20.41 -1.38
C VAL A 153 -0.53 -21.37 -0.42
N GLN A 154 -1.84 -21.56 -0.60
CA GLN A 154 -2.53 -22.67 0.05
C GLN A 154 -3.05 -23.51 -1.10
N THR A 155 -2.76 -24.81 -1.08
CA THR A 155 -3.25 -25.72 -2.09
C THR A 155 -4.73 -26.01 -1.88
N PRO A 156 -5.43 -26.55 -2.89
CA PRO A 156 -6.84 -26.84 -2.67
C PRO A 156 -7.05 -27.80 -1.49
N GLN A 157 -6.04 -28.62 -1.18
CA GLN A 157 -6.11 -29.60 -0.07
C GLN A 157 -5.72 -29.00 1.27
N GLY A 158 -5.47 -27.69 1.29
CA GLY A 158 -5.23 -26.99 2.55
C GLY A 158 -3.79 -26.89 2.99
N GLU A 159 -2.87 -27.37 2.17
CA GLU A 159 -1.48 -27.27 2.52
C GLU A 159 -0.95 -25.87 2.22
N VAL A 160 -0.32 -25.24 3.20
CA VAL A 160 0.36 -23.97 2.97
C VAL A 160 1.81 -24.30 2.56
N LYS A 161 2.24 -23.84 1.38
CA LYS A 161 3.58 -24.14 0.95
C LYS A 161 4.11 -23.05 0.07
N LYS A 162 5.43 -23.00 -0.07
CA LYS A 162 6.10 -22.04 -0.92
C LYS A 162 6.30 -22.70 -2.29
N LEU A 163 5.66 -22.15 -3.31
CA LEU A 163 5.96 -22.59 -4.66
C LEU A 163 7.25 -21.97 -5.15
N THR A 164 7.97 -22.68 -6.01
CA THR A 164 9.07 -22.01 -6.68
C THR A 164 8.47 -21.05 -7.70
N VAL A 165 9.29 -20.15 -8.20
CA VAL A 165 8.83 -19.20 -9.19
C VAL A 165 8.33 -19.98 -10.39
N ASP A 166 9.08 -21.01 -10.79
CA ASP A 166 8.65 -21.75 -11.97
C ASP A 166 7.32 -22.43 -11.76
N GLU A 167 7.10 -22.99 -10.57
CA GLU A 167 5.81 -23.62 -10.26
C GLU A 167 4.69 -22.60 -10.30
N PHE A 168 4.95 -21.42 -9.75
CA PHE A 168 3.89 -20.42 -9.74
C PHE A 168 3.58 -19.95 -11.15
N VAL A 169 4.63 -19.79 -11.95
CA VAL A 169 4.41 -19.41 -13.33
C VAL A 169 3.54 -20.43 -14.06
N GLU A 170 3.71 -21.70 -13.75
CA GLU A 170 2.84 -22.71 -14.33
C GLU A 170 1.39 -22.62 -13.83
N LEU A 171 1.24 -22.30 -12.55
CA LEU A 171 -0.09 -22.24 -11.95
C LEU A 171 -0.86 -21.06 -12.58
N GLU A 172 -0.14 -19.99 -12.88
CA GLU A 172 -0.78 -18.79 -13.40
C GLU A 172 -1.28 -19.00 -14.82
N LYS A 173 -0.74 -20.02 -15.48
CA LYS A 173 -1.24 -20.37 -16.80
C LYS A 173 -2.64 -21.00 -16.75
N THR A 174 -3.02 -21.60 -15.63
CA THR A 174 -4.29 -22.29 -15.59
C THR A 174 -5.27 -21.60 -14.64
N THR A 175 -4.77 -20.61 -13.89
CA THR A 175 -5.50 -20.00 -12.78
C THR A 175 -5.61 -18.49 -12.97
N PHE A 176 -6.83 -17.99 -12.82
CA PHE A 176 -7.13 -16.57 -12.88
C PHE A 176 -7.30 -16.13 -11.45
N PHE A 177 -6.46 -15.20 -11.00
CA PHE A 177 -6.51 -14.76 -9.60
C PHE A 177 -7.34 -13.52 -9.45
N LYS A 178 -8.27 -13.58 -8.52
CA LYS A 178 -9.06 -12.41 -8.15
C LYS A 178 -8.58 -12.06 -6.76
N LYS A 179 -7.70 -11.07 -6.69
CA LYS A 179 -6.97 -10.75 -5.47
C LYS A 179 -6.22 -12.00 -5.03
N ASN A 180 -6.54 -12.55 -3.86
CA ASN A 180 -5.83 -13.72 -3.35
C ASN A 180 -6.46 -15.07 -3.71
N VAL A 181 -7.59 -15.05 -4.42
CA VAL A 181 -8.35 -16.29 -4.66
C VAL A 181 -8.16 -16.80 -6.08
N GLY A 182 -7.75 -18.07 -6.21
CA GLY A 182 -7.59 -18.66 -7.54
C GLY A 182 -8.91 -19.15 -8.09
N HIS A 183 -9.10 -18.92 -9.39
CA HIS A 183 -10.27 -19.39 -10.12
C HIS A 183 -9.81 -20.12 -11.35
N GLU A 184 -10.64 -21.05 -11.84
CA GLU A 184 -10.31 -21.63 -13.13
C GLU A 184 -10.17 -20.50 -14.15
N LYS A 185 -9.10 -20.53 -14.95
CA LYS A 185 -8.91 -19.53 -15.98
C LYS A 185 -9.65 -19.97 -17.22
N VAL A 186 -10.61 -19.16 -17.65
CA VAL A 186 -11.45 -19.53 -18.77
C VAL A 186 -11.21 -18.54 -19.91
N ALA A 187 -10.97 -19.06 -21.10
CA ALA A 187 -10.80 -18.22 -22.28
C ALA A 187 -12.18 -17.79 -22.71
N ARG A 188 -12.35 -16.50 -22.95
CA ARG A 188 -13.58 -16.04 -23.57
C ARG A 188 -13.51 -16.48 -25.03
N LEU A 189 -14.66 -16.82 -25.63
CA LEU A 189 -14.71 -17.42 -26.96
C LEU A 189 -15.66 -16.69 -27.90
N ASP A 190 -15.15 -16.46 -29.12
N ASP A 190 -15.12 -16.05 -28.93
CA ASP A 190 -15.95 -16.03 -30.29
CA ASP A 190 -15.97 -15.15 -29.72
C ASP A 190 -16.96 -17.09 -30.73
C ASP A 190 -17.16 -15.95 -30.22
N LYS A 191 -17.55 -16.93 -31.91
N LYS A 191 -17.99 -15.36 -31.07
CA LYS A 191 -18.66 -17.78 -32.37
CA LYS A 191 -19.19 -16.05 -31.53
C LYS A 191 -18.26 -19.01 -33.22
C LYS A 191 -18.87 -17.24 -32.45
N GLN A 192 -17.05 -18.97 -33.77
N GLN A 192 -17.63 -17.33 -32.91
CA GLN A 192 -16.52 -20.12 -34.51
CA GLN A 192 -17.22 -18.48 -33.71
C GLN A 192 -15.84 -21.05 -33.52
C GLN A 192 -16.60 -19.61 -32.90
N GLY A 193 -16.03 -20.75 -32.25
N GLY A 193 -16.42 -19.39 -31.60
CA GLY A 193 -15.45 -21.53 -31.19
CA GLY A 193 -15.92 -20.45 -30.70
C GLY A 193 -14.01 -21.14 -30.89
C GLY A 193 -14.43 -20.41 -30.33
N ASN A 194 -13.61 -19.91 -31.25
CA ASN A 194 -12.21 -19.54 -30.96
C ASN A 194 -12.03 -18.46 -29.89
N PRO A 195 -10.91 -18.53 -29.14
CA PRO A 195 -10.61 -17.58 -28.07
C PRO A 195 -10.68 -16.12 -28.53
N VAL A 196 -11.39 -15.27 -27.79
CA VAL A 196 -11.43 -13.86 -28.18
C VAL A 196 -10.10 -13.20 -27.86
N LYS A 197 -9.77 -12.19 -28.65
CA LYS A 197 -8.57 -11.39 -28.43
C LYS A 197 -9.01 -9.94 -28.44
N ASP A 198 -8.35 -9.09 -27.68
CA ASP A 198 -8.69 -7.68 -27.67
C ASP A 198 -8.24 -7.04 -28.98
N LYS A 199 -8.39 -5.73 -29.11
CA LYS A 199 -8.11 -5.06 -30.38
C LYS A 199 -6.65 -5.24 -30.77
N ASN A 200 -5.81 -5.58 -29.80
CA ASN A 200 -4.38 -5.70 -30.06
C ASN A 200 -3.94 -7.13 -30.32
N GLY A 201 -4.91 -8.04 -30.36
CA GLY A 201 -4.62 -9.45 -30.60
C GLY A 201 -4.27 -10.19 -29.32
N LYS A 202 -4.48 -9.56 -28.18
CA LYS A 202 -4.21 -10.22 -26.90
C LYS A 202 -5.36 -11.11 -26.46
N PRO A 203 -5.07 -12.39 -26.16
CA PRO A 203 -6.13 -13.30 -25.71
C PRO A 203 -6.81 -12.79 -24.45
N VAL A 204 -8.13 -12.96 -24.37
CA VAL A 204 -8.90 -12.49 -23.24
C VAL A 204 -9.44 -13.66 -22.42
N TYR A 205 -9.29 -13.56 -21.11
CA TYR A 205 -9.73 -14.60 -20.17
C TYR A 205 -10.65 -14.03 -19.13
N LYS A 206 -11.40 -14.91 -18.47
CA LYS A 206 -12.23 -14.51 -17.35
C LYS A 206 -12.14 -15.58 -16.28
N ALA A 207 -12.58 -15.24 -15.08
CA ALA A 207 -12.55 -16.19 -13.99
C ALA A 207 -13.71 -17.16 -14.07
N GLY A 208 -13.40 -18.45 -13.95
CA GLY A 208 -14.43 -19.46 -13.74
C GLY A 208 -14.68 -19.65 -12.27
N LYS A 209 -15.01 -20.87 -11.86
CA LYS A 209 -15.27 -21.11 -10.46
C LYS A 209 -13.96 -21.15 -9.67
N PRO A 210 -14.04 -20.86 -8.38
CA PRO A 210 -12.87 -20.95 -7.52
C PRO A 210 -12.22 -22.33 -7.66
N ASN A 211 -10.89 -22.39 -7.73
CA ASN A 211 -10.25 -23.69 -7.96
C ASN A 211 -9.54 -24.23 -6.74
N GLY A 212 -9.70 -23.54 -5.61
CA GLY A 212 -9.13 -24.04 -4.38
C GLY A 212 -7.80 -23.45 -3.96
N TRP A 213 -7.06 -22.85 -4.91
CA TRP A 213 -5.80 -22.23 -4.57
C TRP A 213 -6.01 -20.86 -3.95
N LEU A 214 -5.17 -20.52 -2.99
CA LEU A 214 -5.12 -19.18 -2.42
C LEU A 214 -3.67 -18.75 -2.50
N VAL A 215 -3.43 -17.44 -2.64
CA VAL A 215 -2.04 -16.94 -2.67
C VAL A 215 -1.94 -15.78 -1.69
N GLU A 216 -0.73 -15.53 -1.18
CA GLU A 216 -0.62 -14.44 -0.20
C GLU A 216 -0.54 -13.10 -0.90
N GLN A 217 -1.62 -12.33 -0.78
CA GLN A 217 -1.77 -11.08 -1.47
C GLN A 217 -2.52 -10.12 -0.57
N GLY A 218 -2.16 -8.85 -0.65
CA GLY A 218 -2.92 -7.81 0.05
C GLY A 218 -2.68 -7.82 1.54
N GLY A 219 -3.65 -7.30 2.28
CA GLY A 219 -3.49 -7.20 3.73
C GLY A 219 -3.42 -5.76 4.20
N TYR A 220 -3.79 -5.52 5.46
CA TYR A 220 -3.79 -4.16 6.00
C TYR A 220 -2.37 -3.64 6.08
N PRO A 221 -2.17 -2.33 6.03
CA PRO A 221 -0.83 -1.80 6.25
C PRO A 221 -0.49 -1.93 7.73
N PRO A 222 0.72 -2.38 8.05
CA PRO A 222 1.10 -2.40 9.45
C PRO A 222 1.07 -1.07 10.18
N LEU A 223 1.25 0.06 9.46
CA LEU A 223 1.13 1.34 10.13
C LEU A 223 0.48 2.32 9.19
N ALA A 224 -0.46 3.10 9.68
CA ALA A 224 -1.17 4.11 8.86
C ALA A 224 -1.41 5.36 9.69
N PHE A 225 -1.22 6.53 9.06
CA PHE A 225 -1.51 7.84 9.65
C PHE A 225 -2.66 8.34 8.81
N GLY A 226 -3.75 8.81 9.42
CA GLY A 226 -4.89 9.20 8.60
C GLY A 226 -5.87 10.07 9.34
N PHE A 227 -6.97 10.37 8.67
CA PHE A 227 -8.11 11.04 9.27
C PHE A 227 -9.32 10.16 9.05
N SER A 228 -10.17 10.07 10.06
CA SER A 228 -11.44 9.32 9.95
C SER A 228 -12.39 9.82 11.03
N GLY A 229 -13.63 10.11 10.65
CA GLY A 229 -14.67 10.40 11.66
C GLY A 229 -14.36 11.62 12.49
N GLY A 230 -13.61 12.55 11.93
CA GLY A 230 -13.33 13.80 12.61
C GLY A 230 -12.15 13.66 13.54
N LEU A 231 -11.39 12.58 13.35
CA LEU A 231 -10.17 12.42 14.14
C LEU A 231 -8.94 12.20 13.24
N PHE A 232 -7.79 12.76 13.63
CA PHE A 232 -6.48 12.28 13.15
C PHE A 232 -6.17 11.04 14.00
N TYR A 233 -5.69 9.97 13.36
CA TYR A 233 -5.34 8.77 14.12
C TYR A 233 -4.07 8.11 13.56
N ILE A 234 -3.44 7.30 14.39
CA ILE A 234 -2.35 6.43 13.96
C ILE A 234 -2.76 5.02 14.36
N LYS A 235 -2.73 4.13 13.38
CA LYS A 235 -3.18 2.74 13.55
C LYS A 235 -2.07 1.76 13.19
N ALA A 236 -1.79 0.84 14.11
CA ALA A 236 -0.81 -0.20 13.88
C ALA A 236 -1.51 -1.54 13.75
N ASN A 237 -1.04 -2.36 12.82
CA ASN A 237 -1.62 -3.69 12.62
C ASN A 237 -0.53 -4.73 12.69
N SER A 238 -0.88 -5.91 13.22
CA SER A 238 0.01 -7.06 13.30
C SER A 238 -0.74 -8.30 12.82
N ASP A 239 -0.04 -9.17 12.10
CA ASP A 239 -0.63 -10.44 11.62
C ASP A 239 0.42 -11.51 11.82
N ARG A 240 0.19 -12.42 12.75
CA ARG A 240 1.21 -13.43 13.05
C ARG A 240 0.98 -14.71 12.29
N LYS A 241 -0.10 -14.82 11.54
CA LYS A 241 -0.36 -16.02 10.77
CA LYS A 241 -0.35 -16.03 10.78
C LYS A 241 0.65 -16.11 9.63
N TRP A 242 1.11 -17.31 9.31
CA TRP A 242 2.12 -17.42 8.26
C TRP A 242 1.51 -17.09 6.89
N LEU A 243 0.36 -17.67 6.58
CA LEU A 243 -0.43 -17.24 5.44
C LEU A 243 -1.60 -16.42 5.96
N THR A 244 -1.58 -15.14 5.66
CA THR A 244 -2.65 -14.26 6.15
C THR A 244 -4.01 -14.77 5.72
N ASP A 245 -4.96 -14.71 6.65
CA ASP A 245 -6.37 -15.03 6.38
C ASP A 245 -7.16 -13.75 6.09
N LYS A 246 -7.53 -13.57 4.83
N LYS A 246 -7.52 -13.54 4.83
CA LYS A 246 -8.19 -12.33 4.41
CA LYS A 246 -8.17 -12.27 4.47
C LYS A 246 -9.57 -12.19 5.03
C LYS A 246 -9.63 -12.20 4.91
N ASP A 247 -10.17 -13.32 5.39
CA ASP A 247 -11.51 -13.32 5.99
C ASP A 247 -11.50 -12.77 7.41
N ASP A 248 -10.34 -12.75 8.05
CA ASP A 248 -10.25 -12.30 9.43
C ASP A 248 -9.97 -10.80 9.41
N ARG A 249 -11.03 -10.01 9.34
CA ARG A 249 -10.88 -8.58 9.15
C ARG A 249 -10.84 -7.83 10.50
N CYS A 250 -9.81 -8.17 11.27
CA CYS A 250 -9.50 -7.53 12.54
C CYS A 250 -8.95 -6.13 12.29
N ASN A 251 -9.76 -5.11 12.49
CA ASN A 251 -9.42 -3.76 12.05
C ASN A 251 -10.05 -2.77 13.02
N ALA A 252 -9.22 -2.07 13.77
CA ALA A 252 -9.76 -1.12 14.73
C ALA A 252 -10.33 0.11 14.04
N ASN A 253 -11.42 0.61 14.59
CA ASN A 253 -12.04 1.82 14.11
C ASN A 253 -11.69 2.94 15.10
N PRO A 254 -11.09 4.02 14.60
CA PRO A 254 -10.65 5.08 15.48
C PRO A 254 -11.82 5.68 16.26
N GLY A 255 -13.03 5.60 15.72
CA GLY A 255 -14.22 6.12 16.40
C GLY A 255 -14.84 5.18 17.42
N LYS A 256 -14.42 3.92 17.39
CA LYS A 256 -15.02 2.88 18.27
C LYS A 256 -14.02 2.16 19.21
N THR A 257 -12.74 2.12 18.84
CA THR A 257 -11.73 1.40 19.61
C THR A 257 -10.97 2.36 20.49
N PRO A 258 -10.96 2.10 21.80
CA PRO A 258 -10.22 2.99 22.68
C PRO A 258 -8.73 3.03 22.37
N VAL A 259 -8.15 4.21 22.57
CA VAL A 259 -6.71 4.40 22.33
C VAL A 259 -5.82 3.42 23.12
N MET A 260 -4.89 2.79 22.41
CA MET A 260 -3.92 1.88 22.99
C MET A 260 -4.52 0.65 23.64
N LYS A 261 -5.72 0.26 23.20
CA LYS A 261 -6.32 -1.00 23.62
C LYS A 261 -6.46 -1.83 22.36
N PRO A 262 -5.56 -2.81 22.16
CA PRO A 262 -5.58 -3.53 20.88
C PRO A 262 -6.85 -4.32 20.67
N LEU A 263 -7.36 -4.25 19.47
CA LEU A 263 -8.38 -5.16 19.07
C LEU A 263 -7.69 -6.40 18.51
N THR A 264 -8.06 -7.59 18.96
CA THR A 264 -7.34 -8.81 18.55
C THR A 264 -8.27 -9.92 18.01
N SER A 265 -7.73 -10.76 17.12
CA SER A 265 -8.34 -12.03 16.77
C SER A 265 -7.39 -13.13 17.25
N GLU A 266 -7.51 -14.33 16.70
CA GLU A 266 -6.55 -15.37 17.07
C GLU A 266 -5.16 -15.06 16.54
N TYR A 267 -5.11 -14.36 15.39
CA TYR A 267 -3.82 -14.08 14.75
C TYR A 267 -3.46 -12.62 14.56
N LYS A 268 -4.46 -11.74 14.57
CA LYS A 268 -4.21 -10.31 14.29
C LYS A 268 -4.37 -9.40 15.51
N ALA A 269 -3.78 -8.22 15.43
CA ALA A 269 -4.01 -7.16 16.43
C ALA A 269 -4.05 -5.86 15.69
N SER A 270 -4.99 -5.00 16.05
CA SER A 270 -5.11 -3.68 15.43
C SER A 270 -5.22 -2.67 16.56
N THR A 271 -4.32 -1.69 16.59
CA THR A 271 -4.23 -0.80 17.75
C THR A 271 -4.24 0.64 17.29
N ILE A 272 -5.12 1.46 17.86
CA ILE A 272 -5.10 2.87 17.59
C ILE A 272 -4.11 3.50 18.58
N ALA A 273 -2.97 3.90 18.08
CA ALA A 273 -1.91 4.36 19.00
C ALA A 273 -2.07 5.79 19.46
N TYR A 274 -2.86 6.57 18.73
CA TYR A 274 -3.00 7.98 19.03
C TYR A 274 -4.21 8.50 18.30
N LYS A 275 -4.93 9.43 18.95
CA LYS A 275 -6.04 10.17 18.37
C LYS A 275 -5.91 11.66 18.67
N LEU A 276 -6.36 12.50 17.73
CA LEU A 276 -6.47 13.94 17.99
C LEU A 276 -7.66 14.52 17.26
N PRO A 277 -8.55 15.25 17.94
CA PRO A 277 -9.70 15.81 17.22
C PRO A 277 -9.25 16.67 16.06
N PHE A 278 -9.99 16.56 14.95
CA PHE A 278 -9.62 17.24 13.69
C PHE A 278 -9.31 18.73 13.88
N ALA A 279 -10.13 19.42 14.66
CA ALA A 279 -9.90 20.87 14.82
C ALA A 279 -8.57 21.20 15.55
N ASP A 280 -8.01 20.23 16.28
CA ASP A 280 -6.81 20.43 17.06
CA ASP A 280 -6.80 20.47 17.03
C ASP A 280 -5.55 20.11 16.22
N PHE A 281 -5.77 19.61 14.99
CA PHE A 281 -4.64 19.30 14.12
C PHE A 281 -4.28 20.60 13.41
N PRO A 282 -3.02 21.04 13.52
CA PRO A 282 -2.77 22.38 12.93
C PRO A 282 -2.95 22.44 11.43
N LYS A 283 -3.48 23.56 10.94
CA LYS A 283 -3.75 23.75 9.52
C LYS A 283 -2.83 24.83 8.94
N ASP A 284 -2.68 24.72 7.62
CA ASP A 284 -1.97 25.74 6.83
C ASP A 284 -0.55 25.95 7.34
N CYS A 285 0.06 24.85 7.75
CA CYS A 285 1.44 24.89 8.19
C CYS A 285 2.06 23.51 8.05
N TRP A 286 3.39 23.48 7.97
CA TRP A 286 4.09 22.22 7.83
C TRP A 286 4.27 21.54 9.17
N ILE A 287 3.85 20.29 9.24
CA ILE A 287 4.01 19.48 10.44
C ILE A 287 5.00 18.38 10.06
N THR A 288 6.02 18.19 10.88
CA THR A 288 7.03 17.15 10.65
C THR A 288 6.81 16.00 11.63
N PHE A 289 6.65 14.79 11.10
CA PHE A 289 6.54 13.62 11.94
C PHE A 289 7.85 12.87 11.92
N ARG A 290 8.31 12.51 13.13
CA ARG A 290 9.45 11.65 13.26
C ARG A 290 8.98 10.34 13.86
N VAL A 291 9.23 9.24 13.14
CA VAL A 291 8.71 7.94 13.52
C VAL A 291 9.82 6.92 13.70
N HIS A 292 9.85 6.24 14.82
CA HIS A 292 10.77 5.12 14.97
C HIS A 292 9.95 3.85 15.08
N ILE A 293 10.30 2.85 14.27
CA ILE A 293 9.62 1.56 14.32
C ILE A 293 10.63 0.44 14.60
N ASP A 294 10.40 -0.29 15.69
CA ASP A 294 11.01 -1.62 15.87
C ASP A 294 9.94 -2.62 15.41
N TRP A 295 10.16 -3.22 14.25
CA TRP A 295 9.19 -4.15 13.73
C TRP A 295 9.08 -5.41 14.57
N THR A 296 7.86 -5.90 14.79
CA THR A 296 7.68 -7.19 15.49
C THR A 296 8.45 -8.32 14.81
N VAL A 297 9.07 -9.21 15.58
CA VAL A 297 9.72 -10.36 14.98
C VAL A 297 8.77 -11.55 15.13
N TYR A 298 8.49 -12.23 14.02
CA TYR A 298 7.59 -13.37 14.04
C TYR A 298 8.37 -14.66 13.78
N GLY A 299 7.80 -15.78 14.23
CA GLY A 299 8.46 -17.06 14.08
C GLY A 299 8.19 -17.83 12.81
N LYS A 300 7.86 -17.12 11.72
CA LYS A 300 7.65 -17.75 10.40
C LYS A 300 6.61 -18.87 10.53
N GLU A 301 6.93 -20.09 10.08
CA GLU A 301 5.91 -21.13 10.07
C GLU A 301 5.39 -21.46 11.47
N ALA A 302 6.18 -21.13 12.51
CA ALA A 302 5.79 -21.38 13.92
C ALA A 302 4.73 -20.40 14.40
N GLU A 303 4.64 -19.27 13.71
CA GLU A 303 3.57 -18.28 13.99
C GLU A 303 3.66 -17.66 15.37
N THR A 304 4.82 -17.72 15.97
CA THR A 304 5.01 -17.15 17.30
C THR A 304 5.37 -15.67 17.19
N ILE A 305 5.26 -14.96 18.32
CA ILE A 305 5.77 -13.62 18.46
C ILE A 305 7.11 -13.82 19.13
N VAL A 306 8.18 -13.66 18.37
CA VAL A 306 9.52 -13.86 18.90
C VAL A 306 9.91 -12.65 19.74
N LYS A 307 9.56 -11.46 19.26
CA LYS A 307 9.87 -10.22 19.98
C LYS A 307 8.80 -9.21 19.62
N PRO A 308 8.26 -8.48 20.63
CA PRO A 308 7.26 -7.47 20.34
C PRO A 308 7.87 -6.32 19.56
N GLY A 309 7.03 -5.48 18.94
CA GLY A 309 7.59 -4.33 18.28
C GLY A 309 7.51 -3.12 19.19
N MET A 310 7.90 -1.95 18.67
N MET A 310 7.89 -1.96 18.63
CA MET A 310 7.68 -0.73 19.40
CA MET A 310 7.93 -0.69 19.34
C MET A 310 7.52 0.40 18.40
C MET A 310 7.60 0.46 18.37
N LEU A 311 6.77 1.40 18.81
CA LEU A 311 6.45 2.54 17.98
C LEU A 311 6.68 3.83 18.75
N ASP A 312 7.41 4.76 18.16
CA ASP A 312 7.63 6.07 18.76
C ASP A 312 7.31 7.13 17.72
N VAL A 313 6.54 8.16 18.10
CA VAL A 313 6.23 9.21 17.18
C VAL A 313 6.26 10.58 17.84
N ARG A 314 6.93 11.51 17.15
CA ARG A 314 6.95 12.91 17.54
C ARG A 314 6.32 13.74 16.43
N MET A 315 5.69 14.83 16.82
CA MET A 315 4.96 15.71 15.91
C MET A 315 5.43 17.14 16.18
N ASP A 316 6.15 17.75 15.22
CA ASP A 316 6.76 19.07 15.39
C ASP A 316 6.12 20.08 14.45
N TYR A 317 5.83 21.28 14.93
CA TYR A 317 5.29 22.35 14.09
C TYR A 317 5.36 23.70 14.82
N VAL A 324 7.34 23.75 18.50
CA VAL A 324 6.85 22.80 19.51
C VAL A 324 7.03 21.39 18.99
N SER A 325 7.28 20.46 19.92
CA SER A 325 7.40 19.05 19.59
C SER A 325 6.47 18.33 20.56
N LYS A 326 5.53 17.55 20.02
CA LYS A 326 4.60 16.79 20.84
C LYS A 326 4.96 15.33 20.68
N HIS A 327 5.15 14.63 21.80
CA HIS A 327 5.55 13.24 21.81
C HIS A 327 4.28 12.43 21.83
N ILE A 328 3.65 12.33 20.68
CA ILE A 328 2.30 11.78 20.62
C ILE A 328 2.21 10.27 20.79
N VAL A 329 3.26 9.53 20.45
CA VAL A 329 3.28 8.11 20.75
C VAL A 329 4.62 7.90 21.44
N ASP A 330 4.59 7.60 22.74
CA ASP A 330 5.80 7.56 23.54
C ASP A 330 6.33 6.13 23.72
N ASN A 331 7.20 5.71 22.80
CA ASN A 331 7.87 4.43 22.88
C ASN A 331 6.96 3.30 23.35
N GLU A 332 5.89 3.07 22.59
CA GLU A 332 4.91 2.07 22.98
C GLU A 332 5.23 0.69 22.46
N LYS A 333 5.29 -0.26 23.39
CA LYS A 333 5.33 -1.67 23.06
C LYS A 333 4.05 -2.00 22.32
N ILE A 334 4.21 -2.61 21.16
CA ILE A 334 3.06 -2.76 20.27
C ILE A 334 3.32 -3.91 19.32
N LEU A 335 2.25 -4.55 18.87
CA LEU A 335 2.41 -5.55 17.81
C LEU A 335 2.24 -4.78 16.48
N ILE A 336 3.22 -4.92 15.60
CA ILE A 336 3.25 -4.12 14.38
C ILE A 336 4.05 -4.89 13.32
N GLY A 337 3.37 -5.28 12.26
CA GLY A 337 4.02 -5.97 11.15
C GLY A 337 3.22 -7.12 10.58
N ARG A 338 3.88 -7.97 9.80
CA ARG A 338 3.26 -9.13 9.16
C ARG A 338 4.24 -10.25 9.22
N ASN A 339 3.75 -11.45 9.50
CA ASN A 339 4.59 -12.63 9.42
C ASN A 339 4.84 -13.07 7.98
N ASP A 340 5.81 -12.40 7.35
CA ASP A 340 6.20 -12.67 5.95
C ASP A 340 7.71 -12.89 5.91
N GLU A 341 8.17 -13.43 4.78
CA GLU A 341 9.59 -13.47 4.53
C GLU A 341 10.13 -12.07 4.28
N ASP A 342 9.35 -11.24 3.56
CA ASP A 342 9.81 -9.91 3.13
C ASP A 342 9.31 -8.82 4.05
N GLY A 343 9.82 -7.60 3.85
CA GLY A 343 9.65 -6.49 4.79
C GLY A 343 8.61 -5.47 4.37
N TYR A 344 8.93 -4.21 4.57
CA TYR A 344 7.93 -3.15 4.57
C TYR A 344 8.46 -1.92 3.84
N TYR A 345 7.55 -1.18 3.23
CA TYR A 345 7.94 0.05 2.51
C TYR A 345 7.00 1.18 2.81
N PHE A 346 7.50 2.40 2.63
CA PHE A 346 6.75 3.61 2.94
C PHE A 346 6.08 4.18 1.72
N LYS A 347 4.85 4.65 1.93
CA LYS A 347 4.12 5.48 0.92
C LYS A 347 3.52 6.69 1.60
N PHE A 348 3.41 7.79 0.86
CA PHE A 348 2.57 8.89 1.32
C PHE A 348 1.69 9.42 0.19
N GLY A 349 0.68 10.18 0.54
CA GLY A 349 -0.26 10.64 -0.48
C GLY A 349 -1.68 10.56 0.03
N ILE A 350 -2.56 10.11 -0.87
CA ILE A 350 -3.97 9.91 -0.54
C ILE A 350 -4.41 8.48 -0.78
N TYR A 351 -4.85 7.82 0.27
CA TYR A 351 -5.54 6.54 0.13
C TYR A 351 -6.88 6.74 0.83
N ARG A 352 -7.90 6.95 0.01
CA ARG A 352 -9.23 7.34 0.47
C ARG A 352 -10.07 6.09 0.65
N VAL A 353 -10.38 5.79 1.92
CA VAL A 353 -10.94 4.49 2.27
C VAL A 353 -12.26 4.64 3.02
N GLY A 354 -12.86 3.53 3.41
CA GLY A 354 -14.10 3.64 4.15
C GLY A 354 -15.26 4.02 3.26
N ASP A 355 -15.12 3.74 1.98
CA ASP A 355 -16.14 4.08 0.99
C ASP A 355 -16.52 5.56 1.02
N SER A 356 -15.50 6.40 1.00
CA SER A 356 -15.69 7.84 1.07
C SER A 356 -15.43 8.48 -0.28
N THR A 357 -16.24 9.49 -0.61
CA THR A 357 -15.97 10.33 -1.77
C THR A 357 -15.85 11.80 -1.39
N VAL A 358 -15.62 12.07 -0.10
CA VAL A 358 -15.35 13.44 0.32
C VAL A 358 -14.02 13.85 -0.28
N PRO A 359 -13.95 15.01 -0.94
CA PRO A 359 -12.72 15.43 -1.61
C PRO A 359 -11.56 15.50 -0.60
N VAL A 360 -10.34 15.25 -1.10
CA VAL A 360 -9.16 15.30 -0.24
C VAL A 360 -8.06 16.07 -0.96
N CYS A 361 -7.38 16.98 -0.29
CA CYS A 361 -6.24 17.69 -0.90
C CYS A 361 -5.33 18.16 0.20
N TYR A 362 -4.05 17.85 0.08
CA TYR A 362 -3.04 18.31 1.03
C TYR A 362 -1.66 18.14 0.40
N ASN A 363 -0.64 18.68 1.04
CA ASN A 363 0.71 18.57 0.48
C ASN A 363 1.59 17.76 1.41
N LEU A 364 2.60 17.10 0.83
CA LEU A 364 3.58 16.30 1.57
C LEU A 364 4.95 16.63 1.02
N ALA A 365 5.97 16.45 1.86
CA ALA A 365 7.34 16.72 1.44
C ALA A 365 8.32 16.18 2.46
N GLY A 366 9.62 16.28 2.15
CA GLY A 366 10.63 16.17 3.23
C GLY A 366 10.88 14.77 3.80
N TYR A 367 10.80 13.77 2.96
CA TYR A 367 10.94 12.41 3.43
C TYR A 367 12.38 11.97 3.54
N SER A 368 12.65 11.26 4.63
CA SER A 368 13.90 10.52 4.75
C SER A 368 13.73 9.28 5.63
N GLU A 369 14.63 8.33 5.49
CA GLU A 369 14.62 7.14 6.33
C GLU A 369 16.06 6.72 6.56
N ARG A 370 16.30 6.12 7.71
CA ARG A 370 17.63 5.64 8.12
C ARG A 370 17.45 4.37 8.94
#